data_1A7D
#
_entry.id   1A7D
#
_cell.length_a   41.842
_cell.length_b   81.260
_cell.length_c   36.831
_cell.angle_alpha   90.00
_cell.angle_beta   90.00
_cell.angle_gamma   90.00
#
_symmetry.space_group_name_H-M   'P 21 21 21'
#
loop_
_entity.id
_entity.type
_entity.pdbx_description
1 polymer MYOHEMERYTHRIN
2 non-polymer 'CHLORIDE ION'
3 non-polymer 'CHLORO DIIRON-OXO MOIETY'
4 water water
#
_entity_poly.entity_id   1
_entity_poly.type   'polypeptide(L)'
_entity_poly.pdbx_seq_one_letter_code
;GWEIPEPYVWDESFRVFYEQLDEEHKKIFKGIFDCIRDNSAPNLATLVKVTTNHFTHEEAMMDAAKYSEVVPHKKMHKDF
LEKIGGLSAPVDAKNVDYCKEWLVNHIKGTDFKYKGKL
;
_entity_poly.pdbx_strand_id   A
#
# COMPACT_ATOMS: atom_id res chain seq x y z
N GLY A 1 5.95 -5.13 15.06
CA GLY A 1 5.48 -4.28 13.97
C GLY A 1 4.45 -3.35 14.54
N TRP A 2 4.05 -2.40 13.71
CA TRP A 2 3.09 -1.41 14.13
C TRP A 2 1.71 -2.00 14.30
N GLU A 3 0.83 -1.32 15.03
CA GLU A 3 -0.54 -1.74 15.25
C GLU A 3 -1.33 -1.85 13.95
N ILE A 4 -2.07 -2.94 13.77
CA ILE A 4 -2.93 -3.15 12.61
C ILE A 4 -4.27 -2.55 13.04
N PRO A 5 -4.81 -1.53 12.36
CA PRO A 5 -6.11 -0.94 12.71
C PRO A 5 -7.26 -1.95 12.61
N GLU A 6 -8.17 -1.92 13.58
CA GLU A 6 -9.39 -2.72 13.55
C GLU A 6 -10.54 -1.78 13.96
N PRO A 7 -11.51 -1.40 13.12
CA PRO A 7 -11.60 -1.69 11.68
C PRO A 7 -10.39 -1.24 10.86
N TYR A 8 -10.20 -1.84 9.67
CA TYR A 8 -8.99 -1.56 8.91
C TYR A 8 -9.16 -0.24 8.14
N VAL A 9 -8.81 0.88 8.73
CA VAL A 9 -8.97 2.20 8.14
C VAL A 9 -7.69 2.98 8.36
N TRP A 10 -7.43 3.93 7.46
CA TRP A 10 -6.27 4.84 7.58
C TRP A 10 -6.52 5.75 8.78
N ASP A 11 -5.46 6.26 9.43
CA ASP A 11 -5.68 7.29 10.41
C ASP A 11 -4.50 8.26 10.25
N GLU A 12 -4.54 9.42 10.89
CA GLU A 12 -3.48 10.42 10.74
C GLU A 12 -2.06 10.06 11.14
N SER A 13 -1.84 9.02 11.97
CA SER A 13 -0.51 8.49 12.26
C SER A 13 0.17 7.94 11.01
N PHE A 14 -0.58 7.58 9.96
CA PHE A 14 0.01 7.12 8.71
C PHE A 14 0.33 8.26 7.73
N ARG A 15 0.01 9.53 8.03
CA ARG A 15 0.25 10.66 7.13
C ARG A 15 1.72 10.83 6.70
N VAL A 16 1.96 11.10 5.41
CA VAL A 16 3.29 11.41 4.90
C VAL A 16 3.36 12.88 4.52
N PHE A 17 2.28 13.68 4.57
CA PHE A 17 2.24 15.13 4.26
C PHE A 17 2.58 15.47 2.79
N TYR A 18 2.02 14.64 1.90
CA TYR A 18 2.04 14.82 0.45
C TYR A 18 0.65 14.29 0.12
N GLU A 19 -0.22 15.27 -0.13
CA GLU A 19 -1.65 15.07 -0.27
C GLU A 19 -2.11 13.97 -1.19
N GLN A 20 -1.56 13.93 -2.42
CA GLN A 20 -1.99 12.85 -3.31
C GLN A 20 -1.49 11.48 -2.85
N LEU A 21 -0.33 11.37 -2.21
CA LEU A 21 0.21 10.09 -1.74
C LEU A 21 -0.59 9.64 -0.55
N ASP A 22 -1.00 10.61 0.29
CA ASP A 22 -1.83 10.31 1.43
C ASP A 22 -3.19 9.83 0.99
N GLU A 23 -3.76 10.49 -0.01
CA GLU A 23 -5.06 10.06 -0.56
C GLU A 23 -4.91 8.67 -1.18
N GLU A 24 -3.78 8.44 -1.87
CA GLU A 24 -3.51 7.09 -2.41
C GLU A 24 -3.41 6.03 -1.33
N HIS A 25 -2.75 6.35 -0.22
CA HIS A 25 -2.68 5.41 0.89
C HIS A 25 -4.06 5.14 1.45
N LYS A 26 -4.89 6.17 1.68
CA LYS A 26 -6.25 6.00 2.07
C LYS A 26 -7.01 5.05 1.12
N LYS A 27 -6.85 5.14 -0.21
CA LYS A 27 -7.59 4.19 -1.06
C LYS A 27 -7.09 2.75 -0.97
N ILE A 28 -5.80 2.49 -0.66
CA ILE A 28 -5.35 1.12 -0.54
C ILE A 28 -5.92 0.58 0.78
N PHE A 29 -6.01 1.36 1.90
CA PHE A 29 -6.68 0.89 3.12
C PHE A 29 -8.15 0.49 2.80
N LYS A 30 -8.88 1.36 2.10
CA LYS A 30 -10.24 1.11 1.67
C LYS A 30 -10.32 -0.12 0.74
N GLY A 31 -9.37 -0.30 -0.20
CA GLY A 31 -9.36 -1.47 -1.06
C GLY A 31 -9.24 -2.79 -0.27
N ILE A 32 -8.32 -2.86 0.72
CA ILE A 32 -8.18 -4.05 1.55
C ILE A 32 -9.45 -4.19 2.42
N PHE A 33 -9.97 -3.11 3.04
CA PHE A 33 -11.19 -3.11 3.82
C PHE A 33 -12.35 -3.70 3.01
N ASP A 34 -12.49 -3.32 1.76
CA ASP A 34 -13.55 -3.87 0.93
C ASP A 34 -13.29 -5.32 0.61
N CYS A 35 -12.07 -5.74 0.28
CA CYS A 35 -11.80 -7.17 0.09
C CYS A 35 -12.09 -7.96 1.36
N ILE A 36 -11.86 -7.40 2.55
CA ILE A 36 -12.16 -8.14 3.76
C ILE A 36 -13.67 -8.37 3.85
N ARG A 37 -14.47 -7.32 3.60
CA ARG A 37 -15.91 -7.44 3.81
C ARG A 37 -16.67 -8.01 2.62
N ASP A 38 -16.09 -7.96 1.42
CA ASP A 38 -16.69 -8.51 0.21
C ASP A 38 -15.51 -9.00 -0.65
N ASN A 39 -15.22 -10.29 -0.47
CA ASN A 39 -13.96 -10.87 -0.92
C ASN A 39 -14.16 -11.46 -2.32
N SER A 40 -14.36 -10.47 -3.21
CA SER A 40 -14.79 -10.72 -4.58
C SER A 40 -13.67 -10.53 -5.61
N ALA A 41 -13.80 -11.14 -6.80
CA ALA A 41 -12.84 -10.87 -7.89
C ALA A 41 -12.75 -9.36 -8.29
N PRO A 42 -13.80 -8.56 -8.45
CA PRO A 42 -13.71 -7.14 -8.70
C PRO A 42 -12.94 -6.41 -7.61
N ASN A 43 -13.20 -6.66 -6.33
CA ASN A 43 -12.49 -5.92 -5.27
C ASN A 43 -11.02 -6.31 -5.24
N LEU A 44 -10.62 -7.56 -5.52
CA LEU A 44 -9.22 -7.89 -5.54
C LEU A 44 -8.56 -7.12 -6.67
N ALA A 45 -9.19 -7.10 -7.86
CA ALA A 45 -8.61 -6.40 -9.00
C ALA A 45 -8.58 -4.93 -8.74
N THR A 46 -9.57 -4.35 -8.07
CA THR A 46 -9.53 -2.94 -7.73
C THR A 46 -8.35 -2.72 -6.78
N LEU A 47 -8.14 -3.63 -5.85
CA LEU A 47 -6.99 -3.47 -4.98
C LEU A 47 -5.70 -3.47 -5.78
N VAL A 48 -5.58 -4.35 -6.78
CA VAL A 48 -4.36 -4.41 -7.57
C VAL A 48 -4.24 -3.09 -8.33
N LYS A 49 -5.34 -2.60 -8.91
CA LYS A 49 -5.32 -1.35 -9.67
C LYS A 49 -4.91 -0.15 -8.82
N VAL A 50 -5.50 0.02 -7.63
CA VAL A 50 -5.16 1.20 -6.84
C VAL A 50 -3.75 1.13 -6.26
N THR A 51 -3.27 -0.06 -5.91
CA THR A 51 -1.91 -0.22 -5.42
C THR A 51 -0.95 0.02 -6.58
N THR A 52 -1.14 -0.44 -7.83
CA THR A 52 -0.20 -0.18 -8.92
C THR A 52 -0.13 1.33 -9.22
N ASN A 53 -1.29 1.99 -9.20
CA ASN A 53 -1.33 3.41 -9.48
C ASN A 53 -0.52 4.13 -8.37
N HIS A 54 -0.74 3.79 -7.08
CA HIS A 54 -0.01 4.47 -6.03
C HIS A 54 1.49 4.26 -6.18
N PHE A 55 1.92 3.03 -6.44
CA PHE A 55 3.33 2.75 -6.51
C PHE A 55 3.95 3.49 -7.69
N THR A 56 3.31 3.58 -8.84
CA THR A 56 3.88 4.29 -9.96
C THR A 56 4.06 5.76 -9.56
N HIS A 57 3.08 6.34 -8.88
CA HIS A 57 3.16 7.73 -8.50
C HIS A 57 4.25 8.06 -7.49
N GLU A 58 4.32 7.22 -6.44
CA GLU A 58 5.26 7.42 -5.38
C GLU A 58 6.66 7.25 -5.95
N GLU A 59 6.86 6.31 -6.86
CA GLU A 59 8.14 6.14 -7.51
C GLU A 59 8.55 7.29 -8.41
N ALA A 60 7.57 7.87 -9.09
CA ALA A 60 7.78 9.04 -9.93
C ALA A 60 8.23 10.19 -9.06
N MET A 61 7.67 10.36 -7.85
CA MET A 61 8.05 11.45 -6.95
C MET A 61 9.42 11.20 -6.35
N MET A 62 9.76 9.95 -6.00
CA MET A 62 11.09 9.64 -5.48
C MET A 62 12.17 9.82 -6.54
N ASP A 63 11.89 9.40 -7.78
CA ASP A 63 12.83 9.58 -8.88
C ASP A 63 13.01 11.06 -9.24
N ALA A 64 11.91 11.82 -9.29
CA ALA A 64 12.00 13.24 -9.58
C ALA A 64 12.85 13.94 -8.51
N ALA A 65 12.67 13.57 -7.24
CA ALA A 65 13.42 14.18 -6.18
C ALA A 65 14.87 13.68 -6.07
N LYS A 66 15.27 12.65 -6.86
CA LYS A 66 16.56 11.97 -6.79
C LYS A 66 16.78 11.40 -5.37
N TYR A 67 15.69 10.84 -4.83
CA TYR A 67 15.68 10.29 -3.51
C TYR A 67 16.56 9.03 -3.53
N SER A 68 17.57 9.01 -2.69
CA SER A 68 18.59 8.01 -2.82
C SER A 68 18.23 6.68 -2.21
N GLU A 69 17.08 6.51 -1.57
CA GLU A 69 16.72 5.18 -1.08
C GLU A 69 15.61 4.56 -1.96
N VAL A 70 15.52 5.03 -3.22
CA VAL A 70 14.45 4.59 -4.11
C VAL A 70 14.54 3.15 -4.58
N VAL A 71 15.77 2.66 -4.77
CA VAL A 71 15.97 1.31 -5.32
C VAL A 71 15.47 0.21 -4.39
N PRO A 72 15.81 0.04 -3.09
CA PRO A 72 15.18 -1.01 -2.27
C PRO A 72 13.67 -0.77 -2.15
N HIS A 73 13.23 0.48 -2.18
CA HIS A 73 11.82 0.78 -2.06
C HIS A 73 11.04 0.24 -3.28
N LYS A 74 11.53 0.47 -4.51
CA LYS A 74 10.96 -0.09 -5.72
C LYS A 74 10.87 -1.61 -5.67
N LYS A 75 11.89 -2.29 -5.12
CA LYS A 75 11.86 -3.73 -5.00
C LYS A 75 10.71 -4.16 -4.08
N MET A 76 10.49 -3.41 -2.99
CA MET A 76 9.38 -3.70 -2.08
C MET A 76 8.04 -3.66 -2.81
N HIS A 77 7.86 -2.60 -3.60
CA HIS A 77 6.69 -2.40 -4.42
C HIS A 77 6.51 -3.53 -5.43
N LYS A 78 7.59 -3.88 -6.15
CA LYS A 78 7.52 -4.90 -7.20
C LYS A 78 7.08 -6.26 -6.65
N ASP A 79 7.67 -6.65 -5.50
CA ASP A 79 7.32 -7.90 -4.83
C ASP A 79 5.90 -7.90 -4.36
N PHE A 80 5.39 -6.78 -3.85
CA PHE A 80 4.00 -6.76 -3.43
C PHE A 80 3.04 -6.86 -4.59
N LEU A 81 3.28 -6.16 -5.70
CA LEU A 81 2.39 -6.26 -6.84
C LEU A 81 2.39 -7.68 -7.44
N GLU A 82 3.54 -8.35 -7.39
CA GLU A 82 3.68 -9.71 -7.87
C GLU A 82 2.86 -10.64 -7.00
N LYS A 83 2.90 -10.43 -5.68
CA LYS A 83 2.13 -11.27 -4.80
C LYS A 83 0.63 -10.98 -4.98
N ILE A 84 0.13 -9.74 -4.81
CA ILE A 84 -1.32 -9.53 -4.95
C ILE A 84 -1.80 -9.74 -6.41
N GLY A 85 -0.95 -9.48 -7.41
CA GLY A 85 -1.27 -9.79 -8.78
C GLY A 85 -1.44 -11.30 -9.03
N GLY A 86 -0.80 -12.15 -8.24
CA GLY A 86 -0.90 -13.58 -8.38
C GLY A 86 -2.09 -14.15 -7.63
N LEU A 87 -2.77 -13.40 -6.78
CA LEU A 87 -3.88 -13.93 -6.00
C LEU A 87 -5.20 -14.05 -6.77
N SER A 88 -6.14 -14.88 -6.29
CA SER A 88 -7.47 -14.93 -6.89
C SER A 88 -8.47 -14.94 -5.77
N ALA A 89 -9.63 -14.37 -5.98
CA ALA A 89 -10.71 -14.39 -5.02
C ALA A 89 -11.40 -15.76 -4.87
N PRO A 90 -11.91 -16.08 -3.66
CA PRO A 90 -11.70 -15.28 -2.45
C PRO A 90 -10.30 -15.45 -1.87
N VAL A 91 -9.67 -14.36 -1.46
CA VAL A 91 -8.35 -14.43 -0.89
C VAL A 91 -8.45 -15.07 0.51
N ASP A 92 -7.65 -16.09 0.83
CA ASP A 92 -7.66 -16.75 2.11
C ASP A 92 -7.15 -15.83 3.20
N ALA A 93 -7.48 -16.25 4.43
CA ALA A 93 -7.22 -15.45 5.60
C ALA A 93 -5.75 -15.15 5.82
N LYS A 94 -4.81 -16.07 5.49
CA LYS A 94 -3.37 -15.83 5.60
C LYS A 94 -2.91 -14.66 4.71
N ASN A 95 -3.37 -14.66 3.48
CA ASN A 95 -3.00 -13.64 2.52
C ASN A 95 -3.72 -12.34 2.82
N VAL A 96 -4.97 -12.37 3.33
CA VAL A 96 -5.61 -11.13 3.76
C VAL A 96 -4.78 -10.57 4.92
N ASP A 97 -4.36 -11.39 5.87
CA ASP A 97 -3.55 -10.90 6.97
C ASP A 97 -2.23 -10.34 6.50
N TYR A 98 -1.60 -10.99 5.53
CA TYR A 98 -0.34 -10.55 4.95
C TYR A 98 -0.52 -9.14 4.39
N CYS A 99 -1.59 -8.93 3.62
CA CYS A 99 -1.87 -7.62 3.03
C CYS A 99 -2.14 -6.54 4.10
N LYS A 100 -2.88 -6.87 5.16
CA LYS A 100 -3.16 -5.90 6.21
C LYS A 100 -1.84 -5.43 6.89
N GLU A 101 -1.00 -6.42 7.19
CA GLU A 101 0.32 -6.21 7.75
C GLU A 101 1.26 -5.45 6.84
N TRP A 102 1.28 -5.84 5.56
CA TRP A 102 2.23 -5.27 4.60
C TRP A 102 1.99 -3.78 4.43
N LEU A 103 0.73 -3.33 4.22
CA LEU A 103 0.44 -1.92 4.06
C LEU A 103 0.90 -1.10 5.26
N VAL A 104 0.51 -1.51 6.46
CA VAL A 104 0.88 -0.79 7.68
C VAL A 104 2.39 -0.64 7.83
N ASN A 105 3.06 -1.78 7.69
CA ASN A 105 4.50 -1.83 7.85
C ASN A 105 5.25 -1.09 6.73
N HIS A 106 4.70 -1.13 5.52
CA HIS A 106 5.33 -0.48 4.38
C HIS A 106 5.27 1.01 4.56
N ILE A 107 4.09 1.58 4.88
CA ILE A 107 3.99 3.02 5.03
C ILE A 107 4.85 3.50 6.19
N LYS A 108 4.75 2.90 7.39
CA LYS A 108 5.51 3.48 8.51
C LYS A 108 6.98 3.08 8.57
N GLY A 109 7.37 1.96 7.96
CA GLY A 109 8.76 1.56 7.98
C GLY A 109 9.51 1.92 6.72
N THR A 110 8.86 2.18 5.60
CA THR A 110 9.61 2.51 4.42
C THR A 110 9.14 3.81 3.83
N ASP A 111 7.83 4.03 3.60
CA ASP A 111 7.42 5.31 3.03
C ASP A 111 7.77 6.44 3.98
N PHE A 112 7.77 6.22 5.29
CA PHE A 112 8.18 7.31 6.20
C PHE A 112 9.60 7.86 6.04
N LYS A 113 10.47 7.07 5.44
CA LYS A 113 11.84 7.53 5.21
C LYS A 113 11.86 8.68 4.20
N TYR A 114 10.83 8.90 3.36
CA TYR A 114 10.90 10.02 2.43
C TYR A 114 10.20 11.29 2.91
N LYS A 115 9.72 11.28 4.17
CA LYS A 115 9.04 12.45 4.71
C LYS A 115 9.98 13.66 4.57
N GLY A 116 9.46 14.72 3.96
CA GLY A 116 10.16 15.98 3.70
C GLY A 116 11.23 15.84 2.62
N LYS A 117 11.31 14.72 1.89
CA LYS A 117 12.36 14.50 0.91
C LYS A 117 11.84 14.54 -0.52
N LEU A 118 10.54 14.64 -0.76
CA LEU A 118 9.99 14.58 -2.11
C LEU A 118 9.57 15.95 -2.64
#